data_6BNY
#
_entry.id   6BNY
#
_cell.length_a   134.761
_cell.length_b   134.761
_cell.length_c   85.285
_cell.angle_alpha   90.000
_cell.angle_beta   90.000
_cell.angle_gamma   120.000
#
_symmetry.space_group_name_H-M   'P 32 2 1'
#
loop_
_entity.id
_entity.type
_entity.pdbx_description
1 polymer 'Serine/threonine-protein kinase TBK1'
2 non-polymer 2-amino-7-(propan-2-yl)-3-(1H-tetrazol-5-yl)-5H-[1]benzopyrano[2,3-b]pyridin-5-one
#
_entity_poly.entity_id   1
_entity_poly.type   'polypeptide(L)'
_entity_poly.pdbx_seq_one_letter_code
;SNAMQSTSNHLWLLSDILGQGATANVFRGRHKKTGDLFAIKVFNNISFLRPVDVQMREFEVLKKLNHKNIVKLFAIEEET
TTRHKVLIMEFCPCGSLYTVLEEPSNAYGLPESEFLIVLRDVVGGMNHLRENGIVHRDIKPGNIMRVIGEDGQSVYKLTD
FGAARELEDDEQFVSLYGTEEYLHPDMYERAVLRKDHQKKYGATVDLWSIGVTFYHAATGSLPFRPFEGPRRNKEVMYKI
ITGKPSGAISGVQKAENGPIDWSGDMPVSCSLSRGLQVLLTPVLANILEADQEKCWGFDQFFAETSDILHRMVIHVFSLQ
QMTAHKIYIHSYNTATIFHELVYKQTKIISSNQELIYEGRRLVLEPGRLAQHFPKTTEENPIFVVSREPLNTIGLIYEKI
SLPKVHPRYDLDGDASMAKAITGVVCYACRIASTLLLYQELMRKGIRWLIELIKDDYNETVHKKTEVVITLDFCIRNIEK
TVKVYEKLMKINLEAAELGEISDIHTKLLRLSSSQGTIETSLQDIDSRLSPGGSLADAWAHQEGTHPKDRNVEKLQVLLN
CMTEIYYQFKKDKAERRLAYNEEQIHKFDKQKLYYHATKAMTHFTDECVKKYEAFLNKSEEWIRKMLHLRKQLLSLTNQC
FDIEEEVSKYQEYTNELQET
;
_entity_poly.pdbx_strand_id   A
#
loop_
_chem_comp.id
_chem_comp.type
_chem_comp.name
_chem_comp.formula
E0M non-polymer 2-amino-7-(propan-2-yl)-3-(1H-tetrazol-5-yl)-5H-[1]benzopyrano[2,3-b]pyridin-5-one 'C16 H14 N6 O2'
#
# COMPACT_ATOMS: atom_id res chain seq x y z
N MET A 4 30.84 18.30 28.31
CA MET A 4 31.69 17.19 28.71
C MET A 4 31.53 16.90 30.19
N GLN A 5 30.28 16.80 30.64
CA GLN A 5 30.00 16.51 32.04
C GLN A 5 30.17 15.02 32.33
N SER A 6 30.10 14.68 33.61
CA SER A 6 30.28 13.30 34.06
C SER A 6 29.33 13.02 35.21
N THR A 7 29.28 11.76 35.62
CA THR A 7 28.45 11.32 36.74
C THR A 7 29.15 10.13 37.39
N SER A 8 28.53 9.60 38.46
CA SER A 8 29.03 8.42 39.16
C SER A 8 29.37 7.34 38.16
N ASN A 9 28.37 6.81 37.48
CA ASN A 9 28.55 6.08 36.24
C ASN A 9 28.25 7.02 35.09
N HIS A 10 28.50 6.54 33.86
CA HIS A 10 28.17 7.27 32.64
C HIS A 10 28.98 8.56 32.47
N LEU A 11 29.01 9.07 31.24
CA LEU A 11 29.69 10.29 30.86
C LEU A 11 29.30 10.60 29.42
N TRP A 12 29.22 11.88 29.10
CA TRP A 12 28.79 12.31 27.77
C TRP A 12 29.56 13.54 27.33
N LEU A 13 29.69 13.69 26.02
CA LEU A 13 30.29 14.87 25.42
C LEU A 13 29.21 15.89 25.10
N LEU A 14 29.59 17.17 25.15
CA LEU A 14 28.63 18.25 24.93
C LEU A 14 28.30 18.45 23.46
N SER A 15 29.13 17.94 22.55
CA SER A 15 28.85 18.06 21.12
C SER A 15 27.92 16.97 20.61
N ASP A 16 27.57 15.99 21.45
CA ASP A 16 26.64 14.92 21.09
C ASP A 16 25.21 15.25 21.45
N ILE A 17 24.82 16.51 21.38
CA ILE A 17 23.46 16.92 21.70
C ILE A 17 22.54 16.54 20.54
N LEU A 18 21.53 15.71 20.82
CA LEU A 18 20.60 15.23 19.82
C LEU A 18 19.29 16.01 19.80
N GLY A 19 18.79 16.40 20.97
CA GLY A 19 17.56 17.17 21.07
C GLY A 19 17.61 18.20 22.19
N GLN A 20 17.11 19.40 21.90
CA GLN A 20 17.05 20.47 22.88
C GLN A 20 15.63 21.03 22.93
N GLY A 21 15.20 21.42 24.14
CA GLY A 21 13.86 21.95 24.31
C GLY A 21 13.60 22.45 25.71
N ALA A 22 12.33 22.40 26.14
CA ALA A 22 11.98 22.85 27.47
C ALA A 22 12.67 21.99 28.53
N THR A 23 13.15 22.64 29.58
CA THR A 23 13.90 22.00 30.66
C THR A 23 15.10 21.22 30.13
N ALA A 24 15.03 19.90 30.18
CA ALA A 24 16.19 19.05 29.95
C ALA A 24 16.47 18.84 28.47
N ASN A 25 17.75 18.77 28.13
CA ASN A 25 18.20 18.30 26.83
C ASN A 25 18.62 16.85 26.92
N VAL A 26 18.90 16.25 25.77
CA VAL A 26 19.21 14.83 25.67
C VAL A 26 20.55 14.66 24.96
N PHE A 27 21.51 14.03 25.63
CA PHE A 27 22.84 13.81 25.09
C PHE A 27 23.08 12.31 24.85
N ARG A 28 24.20 12.03 24.18
CA ARG A 28 24.62 10.67 23.87
C ARG A 28 25.69 10.28 24.88
N GLY A 29 25.29 9.56 25.93
CA GLY A 29 26.20 9.19 27.00
C GLY A 29 26.65 7.73 26.92
N ARG A 30 27.59 7.40 27.81
CA ARG A 30 28.10 6.04 27.92
C ARG A 30 27.80 5.47 29.30
N HIS A 31 28.59 4.50 29.75
CA HIS A 31 28.40 3.89 31.05
C HIS A 31 29.69 3.87 31.85
N LYS A 32 30.80 4.31 31.25
CA LYS A 32 32.11 4.41 31.88
C LYS A 32 32.69 3.04 32.17
N LYS A 33 32.02 2.23 33.00
CA LYS A 33 32.46 0.85 33.20
C LYS A 33 32.38 0.05 31.89
N THR A 34 31.33 0.27 31.11
CA THR A 34 31.13 -0.36 29.81
C THR A 34 30.91 0.72 28.75
N GLY A 35 31.14 0.35 27.50
CA GLY A 35 30.97 1.30 26.41
C GLY A 35 29.56 1.33 25.85
N ASP A 36 28.60 0.84 26.63
CA ASP A 36 27.21 0.78 26.18
C ASP A 36 26.64 2.19 26.08
N LEU A 37 25.97 2.45 24.95
CA LEU A 37 25.43 3.79 24.71
C LEU A 37 24.18 4.02 25.55
N PHE A 38 23.98 5.28 25.92
CA PHE A 38 22.80 5.69 26.68
C PHE A 38 22.38 7.08 26.23
N ALA A 39 21.16 7.45 26.61
CA ALA A 39 20.61 8.78 26.37
C ALA A 39 20.42 9.47 27.71
N ILE A 40 21.13 10.58 27.92
CA ILE A 40 21.15 11.26 29.20
C ILE A 40 20.29 12.51 29.11
N LYS A 41 19.32 12.62 30.01
CA LYS A 41 18.50 13.82 30.15
C LYS A 41 19.10 14.65 31.30
N VAL A 42 19.55 15.87 30.96
CA VAL A 42 20.40 16.61 31.89
C VAL A 42 19.58 17.26 33.01
N PHE A 43 18.47 17.90 32.66
CA PHE A 43 17.62 18.61 33.62
C PHE A 43 18.39 19.68 34.38
N ASN A 44 18.68 20.80 33.72
CA ASN A 44 19.33 21.93 34.37
C ASN A 44 18.35 22.73 35.20
N ASN A 45 17.17 23.01 34.65
CA ASN A 45 16.14 23.79 35.34
C ASN A 45 15.43 22.88 36.34
N ILE A 46 16.04 22.76 37.52
CA ILE A 46 15.45 21.99 38.61
C ILE A 46 14.66 22.94 39.51
N SER A 47 13.69 23.64 38.93
CA SER A 47 12.90 24.60 39.67
C SER A 47 11.84 23.89 40.51
N PHE A 48 11.17 24.68 41.34
CA PHE A 48 10.08 24.21 42.22
C PHE A 48 10.65 23.14 43.15
N LEU A 49 10.11 21.93 43.17
CA LEU A 49 10.56 20.88 44.08
C LEU A 49 11.06 19.66 43.31
N ASP A 53 12.06 14.05 46.82
CA ASP A 53 11.25 13.02 47.45
C ASP A 53 10.15 12.52 46.51
N VAL A 54 9.07 13.28 46.39
CA VAL A 54 7.93 12.86 45.57
C VAL A 54 8.33 12.79 44.10
N GLN A 55 9.20 13.69 43.65
CA GLN A 55 9.65 13.67 42.26
C GLN A 55 10.45 12.41 41.98
N MET A 56 11.35 12.02 42.89
CA MET A 56 12.13 10.81 42.70
C MET A 56 11.28 9.55 42.85
N ARG A 57 10.08 9.66 43.44
CA ARG A 57 9.18 8.52 43.53
C ARG A 57 8.36 8.38 42.26
N GLU A 58 7.81 9.48 41.75
CA GLU A 58 7.09 9.44 40.48
C GLU A 58 8.00 9.15 39.30
N PHE A 59 9.32 9.22 39.49
CA PHE A 59 10.27 8.70 38.52
C PHE A 59 10.72 7.28 38.85
N GLU A 60 10.65 6.89 40.12
CA GLU A 60 11.03 5.52 40.50
C GLU A 60 10.05 4.50 39.96
N VAL A 61 8.78 4.87 39.82
CA VAL A 61 7.81 3.97 39.18
C VAL A 61 8.13 3.82 37.70
N LEU A 62 8.66 4.86 37.06
CA LEU A 62 9.06 4.79 35.67
C LEU A 62 10.24 3.86 35.44
N LYS A 63 10.98 3.51 36.51
CA LYS A 63 12.09 2.59 36.35
C LYS A 63 11.61 1.16 36.17
N LYS A 64 10.62 0.73 36.97
CA LYS A 64 10.20 -0.66 36.96
C LYS A 64 9.37 -0.99 35.72
N LEU A 65 8.53 -0.05 35.28
CA LEU A 65 7.64 -0.30 34.14
C LEU A 65 8.42 -0.67 32.89
N ASN A 66 8.28 -1.92 32.46
CA ASN A 66 8.99 -2.45 31.30
C ASN A 66 7.97 -2.90 30.26
N HIS A 67 8.14 -2.43 29.02
CA HIS A 67 7.28 -2.83 27.92
C HIS A 67 8.04 -2.64 26.62
N LYS A 68 7.63 -3.40 25.61
CA LYS A 68 8.33 -3.39 24.32
C LYS A 68 8.21 -2.04 23.62
N ASN A 69 7.15 -1.29 23.89
CA ASN A 69 6.84 -0.07 23.15
C ASN A 69 7.07 1.20 23.98
N ILE A 70 7.98 1.13 24.95
CA ILE A 70 8.36 2.30 25.73
C ILE A 70 9.86 2.26 25.96
N VAL A 71 10.50 3.43 25.91
CA VAL A 71 11.90 3.52 26.32
C VAL A 71 11.98 3.37 27.83
N LYS A 72 13.05 2.76 28.30
CA LYS A 72 13.17 2.41 29.71
C LYS A 72 14.06 3.41 30.44
N LEU A 73 13.61 3.82 31.62
CA LEU A 73 14.41 4.62 32.53
C LEU A 73 15.23 3.67 33.39
N PHE A 74 16.55 3.66 33.19
CA PHE A 74 17.39 2.70 33.89
C PHE A 74 17.70 3.17 35.32
N ALA A 75 18.12 4.42 35.48
CA ALA A 75 18.45 4.95 36.80
C ALA A 75 18.46 6.47 36.74
N ILE A 76 18.51 7.08 37.92
CA ILE A 76 18.66 8.52 38.08
C ILE A 76 19.94 8.76 38.88
N GLU A 77 20.68 9.81 38.52
CA GLU A 77 21.96 10.09 39.15
C GLU A 77 22.11 11.61 39.30
N GLU A 78 23.21 12.01 39.93
CA GLU A 78 23.51 13.41 40.20
C GLU A 78 24.82 13.77 39.51
N GLU A 79 24.77 14.81 38.66
CA GLU A 79 25.95 15.24 37.94
C GLU A 79 27.06 15.65 38.91
N THR A 80 28.30 15.50 38.47
CA THR A 80 29.45 15.71 39.34
C THR A 80 29.56 17.18 39.77
N THR A 81 29.70 18.09 38.80
CA THR A 81 30.03 19.47 39.12
C THR A 81 28.79 20.29 39.49
N THR A 82 27.68 20.10 38.79
CA THR A 82 26.51 20.94 38.94
C THR A 82 25.41 20.33 39.81
N ARG A 83 25.54 19.06 40.18
CA ARG A 83 24.52 18.36 40.99
C ARG A 83 23.14 18.43 40.34
N HIS A 84 23.11 18.26 39.02
CA HIS A 84 21.86 18.26 38.27
C HIS A 84 21.30 16.84 38.18
N LYS A 85 19.98 16.72 38.37
CA LYS A 85 19.30 15.44 38.31
C LYS A 85 19.32 14.92 36.88
N VAL A 86 20.19 13.96 36.60
CA VAL A 86 20.35 13.39 35.26
C VAL A 86 19.64 12.04 35.21
N LEU A 87 19.04 11.73 34.07
CA LEU A 87 18.30 10.49 33.84
C LEU A 87 18.94 9.76 32.67
N ILE A 88 19.25 8.48 32.87
CA ILE A 88 19.77 7.64 31.81
C ILE A 88 18.60 6.87 31.19
N MET A 89 18.55 6.84 29.86
CA MET A 89 17.43 6.24 29.15
C MET A 89 17.96 5.40 27.99
N GLU A 90 17.06 4.62 27.40
CA GLU A 90 17.42 3.72 26.32
C GLU A 90 17.75 4.52 25.07
N PHE A 91 18.97 4.34 24.56
CA PHE A 91 19.38 5.04 23.35
C PHE A 91 18.71 4.43 22.13
N CYS A 92 18.16 5.29 21.27
CA CYS A 92 17.46 4.88 20.05
C CYS A 92 18.25 5.41 18.86
N PRO A 93 19.17 4.61 18.31
CA PRO A 93 20.09 5.16 17.28
C PRO A 93 19.40 5.60 16.00
N CYS A 94 18.19 5.12 15.72
CA CYS A 94 17.51 5.51 14.49
C CYS A 94 16.96 6.93 14.57
N GLY A 95 16.58 7.38 15.77
CA GLY A 95 16.05 8.72 15.97
C GLY A 95 14.63 8.67 16.52
N SER A 96 13.79 9.54 16.00
CA SER A 96 12.39 9.63 16.39
C SER A 96 11.50 9.42 15.16
N LEU A 97 10.19 9.36 15.40
CA LEU A 97 9.25 9.25 14.29
C LEU A 97 9.30 10.47 13.38
N TYR A 98 9.58 11.65 13.97
CA TYR A 98 9.75 12.84 13.15
C TYR A 98 10.99 12.74 12.27
N THR A 99 11.99 11.97 12.70
CA THR A 99 13.20 11.83 11.90
C THR A 99 12.93 11.07 10.61
N VAL A 100 12.18 9.97 10.70
CA VAL A 100 11.89 9.19 9.50
C VAL A 100 10.86 9.91 8.63
N LEU A 101 10.01 10.75 9.24
CA LEU A 101 9.10 11.56 8.45
C LEU A 101 9.81 12.71 7.73
N GLU A 102 11.06 13.00 8.09
CA GLU A 102 11.84 13.98 7.37
C GLU A 102 12.44 13.42 6.08
N GLU A 103 12.60 12.11 5.98
CA GLU A 103 13.22 11.52 4.80
C GLU A 103 12.31 11.68 3.59
N PRO A 104 12.86 11.93 2.41
CA PRO A 104 12.02 12.07 1.21
C PRO A 104 11.27 10.81 0.84
N SER A 105 11.74 9.63 1.26
CA SER A 105 11.00 8.40 0.97
C SER A 105 9.65 8.40 1.67
N ASN A 106 9.54 9.08 2.80
CA ASN A 106 8.29 9.23 3.53
C ASN A 106 7.72 10.63 3.40
N ALA A 107 8.11 11.36 2.34
CA ALA A 107 7.60 12.70 2.12
C ALA A 107 6.11 12.69 1.82
N TYR A 108 5.60 11.62 1.22
CA TYR A 108 4.18 11.46 0.93
C TYR A 108 3.57 10.32 1.73
N GLY A 109 4.24 9.86 2.78
CA GLY A 109 3.70 8.84 3.66
C GLY A 109 4.68 7.71 3.89
N LEU A 110 4.55 7.06 5.04
CA LEU A 110 5.37 5.90 5.34
C LEU A 110 4.99 4.74 4.43
N PRO A 111 5.91 3.80 4.21
CA PRO A 111 5.54 2.55 3.53
C PRO A 111 4.47 1.80 4.32
N GLU A 112 3.70 0.99 3.60
CA GLU A 112 2.53 0.35 4.19
C GLU A 112 2.90 -0.56 5.35
N SER A 113 3.97 -1.33 5.20
CA SER A 113 4.37 -2.24 6.27
C SER A 113 4.84 -1.48 7.51
N GLU A 114 5.61 -0.41 7.32
CA GLU A 114 6.12 0.34 8.46
C GLU A 114 5.02 1.15 9.14
N PHE A 115 3.96 1.50 8.40
CA PHE A 115 2.81 2.13 9.03
C PHE A 115 2.12 1.16 9.98
N LEU A 116 2.05 -0.12 9.62
CA LEU A 116 1.51 -1.12 10.53
C LEU A 116 2.39 -1.28 11.76
N ILE A 117 3.71 -1.15 11.58
CA ILE A 117 4.62 -1.22 12.72
C ILE A 117 4.39 -0.05 13.66
N VAL A 118 4.17 1.15 13.11
CA VAL A 118 3.90 2.32 13.93
C VAL A 118 2.62 2.13 14.73
N LEU A 119 1.51 1.85 14.03
CA LEU A 119 0.22 1.74 14.70
C LEU A 119 0.21 0.62 15.71
N ARG A 120 0.90 -0.48 15.43
CA ARG A 120 0.97 -1.59 16.38
C ARG A 120 1.68 -1.16 17.66
N ASP A 121 2.88 -0.59 17.52
CA ASP A 121 3.68 -0.25 18.68
C ASP A 121 3.10 0.95 19.44
N VAL A 122 2.52 1.90 18.71
CA VAL A 122 1.98 3.09 19.36
C VAL A 122 0.77 2.74 20.22
N VAL A 123 -0.20 2.03 19.63
CA VAL A 123 -1.40 1.68 20.38
C VAL A 123 -1.07 0.70 21.50
N GLY A 124 -0.13 -0.21 21.25
CA GLY A 124 0.27 -1.13 22.31
C GLY A 124 0.94 -0.44 23.47
N GLY A 125 1.74 0.60 23.18
CA GLY A 125 2.38 1.33 24.25
C GLY A 125 1.41 2.17 25.07
N MET A 126 0.47 2.83 24.40
CA MET A 126 -0.53 3.62 25.11
C MET A 126 -1.48 2.74 25.91
N ASN A 127 -1.77 1.54 25.40
CA ASN A 127 -2.62 0.63 26.16
C ASN A 127 -1.93 0.17 27.44
N HIS A 128 -0.63 -0.10 27.37
CA HIS A 128 0.11 -0.48 28.56
C HIS A 128 0.22 0.68 29.55
N LEU A 129 0.26 1.92 29.05
CA LEU A 129 0.31 3.06 29.95
C LEU A 129 -1.03 3.29 30.62
N ARG A 130 -2.13 3.13 29.88
CA ARG A 130 -3.45 3.31 30.48
C ARG A 130 -3.79 2.17 31.44
N GLU A 131 -3.23 0.97 31.21
CA GLU A 131 -3.39 -0.11 32.17
C GLU A 131 -2.81 0.25 33.53
N ASN A 132 -1.81 1.14 33.56
CA ASN A 132 -1.23 1.64 34.79
C ASN A 132 -1.65 3.08 35.10
N GLY A 133 -2.40 3.72 34.22
CA GLY A 133 -2.85 5.08 34.45
C GLY A 133 -1.76 6.12 34.34
N ILE A 134 -1.15 6.23 33.16
CA ILE A 134 -0.08 7.18 32.91
C ILE A 134 -0.57 8.10 31.79
N VAL A 135 -0.94 9.33 32.15
CA VAL A 135 -1.49 10.26 31.18
C VAL A 135 -0.35 10.80 30.31
N HIS A 136 -0.45 10.58 28.99
CA HIS A 136 0.50 11.12 28.04
C HIS A 136 -0.08 12.33 27.31
N ARG A 137 -1.20 12.15 26.61
CA ARG A 137 -1.92 13.23 25.95
C ARG A 137 -1.10 13.89 24.85
N ASP A 138 0.11 14.34 25.18
CA ASP A 138 0.97 15.04 24.22
C ASP A 138 1.78 14.04 23.39
N ILE A 139 1.06 13.25 22.60
CA ILE A 139 1.69 12.29 21.71
C ILE A 139 2.15 13.02 20.45
N LYS A 140 3.40 12.79 20.05
CA LYS A 140 4.04 13.54 18.99
C LYS A 140 5.04 12.64 18.30
N PRO A 141 5.23 12.78 16.98
CA PRO A 141 6.30 12.03 16.32
C PRO A 141 7.68 12.26 16.94
N GLY A 142 7.91 13.45 17.50
CA GLY A 142 9.14 13.67 18.26
C GLY A 142 9.17 12.88 19.56
N ASN A 143 8.01 12.62 20.15
CA ASN A 143 7.89 11.84 21.36
C ASN A 143 7.72 10.34 21.09
N ILE A 144 8.01 9.90 19.87
CA ILE A 144 7.92 8.50 19.47
C ILE A 144 9.26 8.12 18.85
N MET A 145 10.05 7.33 19.56
CA MET A 145 11.37 6.95 19.10
C MET A 145 11.32 5.65 18.31
N ARG A 146 12.43 5.33 17.65
CA ARG A 146 12.52 4.16 16.78
C ARG A 146 13.81 3.42 17.05
N VAL A 147 13.71 2.12 17.34
CA VAL A 147 14.87 1.25 17.50
C VAL A 147 14.73 0.09 16.52
N ILE A 148 15.86 -0.51 16.18
CA ILE A 148 15.89 -1.67 15.29
C ILE A 148 15.76 -2.93 16.13
N GLY A 149 14.80 -3.77 15.78
CA GLY A 149 14.58 -5.00 16.51
C GLY A 149 15.64 -6.04 16.23
N GLU A 150 15.61 -7.11 17.04
CA GLU A 150 16.56 -8.20 16.86
C GLU A 150 16.38 -8.92 15.53
N ASP A 151 15.22 -8.75 14.88
CA ASP A 151 14.93 -9.35 13.59
C ASP A 151 14.81 -8.30 12.51
N GLY A 152 15.70 -7.30 12.53
CA GLY A 152 15.51 -6.14 11.68
C GLY A 152 14.23 -5.42 12.06
N GLN A 153 13.30 -5.33 11.12
CA GLN A 153 11.95 -4.79 11.39
C GLN A 153 12.11 -3.36 11.93
N SER A 154 11.34 -3.00 12.95
CA SER A 154 11.43 -1.71 13.64
C SER A 154 10.58 -1.81 14.89
N VAL A 155 10.98 -1.07 15.92
CA VAL A 155 10.24 -1.03 17.18
C VAL A 155 10.12 0.43 17.59
N TYR A 156 8.88 0.93 17.66
CA TYR A 156 8.62 2.29 18.07
C TYR A 156 8.24 2.33 19.54
N LYS A 157 8.80 3.30 20.27
CA LYS A 157 8.63 3.36 21.72
C LYS A 157 8.34 4.79 22.14
N LEU A 158 7.34 4.95 23.00
CA LEU A 158 7.08 6.24 23.62
C LEU A 158 8.22 6.58 24.60
N THR A 159 8.39 7.88 24.84
CA THR A 159 9.54 8.34 25.62
C THR A 159 9.29 9.52 26.53
N ASP A 160 8.31 10.38 26.25
CA ASP A 160 8.11 11.62 27.00
C ASP A 160 6.66 11.68 27.46
N PHE A 161 6.44 11.51 28.77
CA PHE A 161 5.11 11.61 29.35
C PHE A 161 5.24 11.79 30.85
N GLY A 162 4.25 12.45 31.44
CA GLY A 162 4.25 12.70 32.87
C GLY A 162 5.21 13.80 33.29
N THR A 179 3.30 20.68 21.92
CA THR A 179 3.42 21.18 20.55
C THR A 179 2.05 21.61 20.02
N GLU A 180 1.98 22.84 19.50
CA GLU A 180 0.70 23.42 19.11
C GLU A 180 0.06 22.67 17.94
N GLU A 181 0.87 22.10 17.04
CA GLU A 181 0.33 21.49 15.84
C GLU A 181 -0.50 20.24 16.12
N TYR A 182 -0.31 19.61 17.27
CA TYR A 182 -0.97 18.35 17.61
C TYR A 182 -1.81 18.49 18.87
N LEU A 183 -2.55 19.59 19.00
CA LEU A 183 -3.34 19.86 20.20
C LEU A 183 -4.83 19.82 19.89
N HIS A 184 -5.59 19.43 20.91
CA HIS A 184 -7.04 19.35 20.78
C HIS A 184 -7.64 20.76 20.71
N PRO A 185 -8.78 20.91 20.02
CA PRO A 185 -9.39 22.25 19.91
C PRO A 185 -9.71 22.91 21.25
N ASP A 186 -10.04 22.14 22.29
CA ASP A 186 -10.40 22.75 23.56
C ASP A 186 -9.23 23.52 24.17
N MET A 187 -7.99 23.11 23.87
CA MET A 187 -6.82 23.84 24.30
C MET A 187 -6.31 24.73 23.17
N TYR A 188 -5.10 24.43 22.68
CA TYR A 188 -4.47 25.16 21.58
C TYR A 188 -4.39 26.65 21.89
N GLU A 189 -3.53 26.97 22.85
CA GLU A 189 -3.33 28.35 23.27
C GLU A 189 -2.09 28.95 22.62
N VAL A 205 -9.98 14.23 24.25
CA VAL A 205 -8.88 15.17 24.11
C VAL A 205 -7.55 14.43 24.04
N ASP A 206 -7.59 13.14 24.39
CA ASP A 206 -6.39 12.31 24.36
C ASP A 206 -6.12 11.72 22.99
N LEU A 207 -7.16 11.41 22.23
CA LEU A 207 -7.03 10.73 20.95
C LEU A 207 -6.79 11.70 19.79
N TRP A 208 -6.83 13.01 20.03
CA TRP A 208 -6.64 13.96 18.94
C TRP A 208 -5.22 13.88 18.39
N SER A 209 -4.22 13.93 19.27
CA SER A 209 -2.83 13.87 18.82
C SER A 209 -2.55 12.59 18.06
N ILE A 210 -3.17 11.48 18.47
CA ILE A 210 -2.97 10.21 17.77
C ILE A 210 -3.52 10.27 16.36
N GLY A 211 -4.63 10.98 16.16
CA GLY A 211 -5.19 11.09 14.82
C GLY A 211 -4.32 11.92 13.90
N VAL A 212 -3.75 13.02 14.41
CA VAL A 212 -2.90 13.87 13.59
C VAL A 212 -1.59 13.17 13.26
N THR A 213 -1.05 12.38 14.20
CA THR A 213 0.18 11.66 13.93
C THR A 213 -0.02 10.56 12.89
N PHE A 214 -1.12 9.81 13.00
CA PHE A 214 -1.37 8.74 12.03
C PHE A 214 -1.65 9.30 10.65
N TYR A 215 -2.40 10.41 10.57
CA TYR A 215 -2.58 11.08 9.29
C TYR A 215 -1.25 11.58 8.74
N HIS A 216 -0.41 12.14 9.61
CA HIS A 216 0.91 12.59 9.17
C HIS A 216 1.75 11.41 8.71
N ALA A 217 1.64 10.27 9.41
CA ALA A 217 2.39 9.09 9.01
C ALA A 217 1.81 8.46 7.76
N ALA A 218 0.51 8.62 7.54
CA ALA A 218 -0.13 7.98 6.39
C ALA A 218 0.21 8.69 5.09
N THR A 219 0.08 10.02 5.05
CA THR A 219 0.26 10.77 3.82
C THR A 219 1.52 11.64 3.82
N GLY A 220 2.34 11.58 4.86
CA GLY A 220 3.54 12.39 4.91
C GLY A 220 3.30 13.88 5.04
N SER A 221 2.08 14.30 5.35
CA SER A 221 1.75 15.70 5.50
C SER A 221 0.73 15.84 6.64
N LEU A 222 0.65 17.05 7.18
CA LEU A 222 -0.24 17.29 8.31
C LEU A 222 -1.65 17.61 7.83
N PRO A 223 -2.65 17.24 8.61
CA PRO A 223 -4.01 17.73 8.37
C PRO A 223 -4.23 19.08 9.04
N PHE A 224 -5.26 19.78 8.56
CA PHE A 224 -5.62 21.11 9.08
C PHE A 224 -4.45 22.06 8.93
N ARG A 225 -4.28 22.65 7.75
CA ARG A 225 -3.16 23.53 7.46
C ARG A 225 -3.67 24.85 6.92
N PRO A 226 -3.31 25.99 7.52
CA PRO A 226 -3.57 27.28 6.87
C PRO A 226 -2.62 27.49 5.70
N PHE A 227 -2.46 28.75 5.26
CA PHE A 227 -1.56 29.04 4.16
C PHE A 227 -0.13 29.13 4.69
N GLU A 228 0.68 28.11 4.39
CA GLU A 228 2.08 28.03 4.79
C GLU A 228 2.22 28.03 6.31
N GLY A 229 1.86 26.89 6.89
CA GLY A 229 2.08 26.63 8.30
C GLY A 229 1.17 27.42 9.22
N PRO A 230 0.95 26.90 10.43
CA PRO A 230 0.18 27.63 11.45
C PRO A 230 0.99 28.71 12.14
N ARG A 231 1.55 29.62 11.34
CA ARG A 231 2.38 30.70 11.88
C ARG A 231 1.54 31.93 12.18
N ARG A 232 1.56 32.91 11.27
CA ARG A 232 0.75 34.11 11.49
C ARG A 232 -0.73 33.82 11.30
N ASN A 233 -1.08 32.80 10.52
CA ASN A 233 -2.46 32.36 10.37
C ASN A 233 -2.83 31.44 11.54
N LYS A 234 -2.51 31.87 12.76
CA LYS A 234 -2.86 31.10 13.94
C LYS A 234 -4.36 31.11 14.18
N GLU A 235 -4.98 32.29 14.07
CA GLU A 235 -6.44 32.38 14.20
C GLU A 235 -7.14 31.61 13.09
N VAL A 236 -6.50 31.50 11.92
CA VAL A 236 -7.05 30.68 10.85
C VAL A 236 -7.01 29.21 11.23
N MET A 237 -5.93 28.79 11.90
CA MET A 237 -5.80 27.38 12.29
C MET A 237 -6.90 26.95 13.25
N TYR A 238 -7.18 27.77 14.26
CA TYR A 238 -8.25 27.43 15.19
C TYR A 238 -9.61 27.41 14.52
N LYS A 239 -9.83 28.26 13.51
CA LYS A 239 -11.07 28.22 12.75
C LYS A 239 -11.21 26.93 11.96
N ILE A 240 -10.09 26.29 11.64
CA ILE A 240 -10.13 24.99 10.96
C ILE A 240 -10.39 23.87 11.96
N ILE A 241 -9.71 23.92 13.11
CA ILE A 241 -9.79 22.82 14.07
C ILE A 241 -11.19 22.73 14.66
N THR A 242 -11.74 23.85 15.12
CA THR A 242 -13.11 23.87 15.64
C THR A 242 -14.07 24.20 14.50
N GLY A 243 -15.24 23.58 14.54
CA GLY A 243 -16.19 23.73 13.46
C GLY A 243 -15.79 22.91 12.25
N LYS A 244 -15.82 21.59 12.41
CA LYS A 244 -15.39 20.63 11.40
C LYS A 244 -16.58 19.81 10.91
N PRO A 245 -16.61 19.45 9.62
CA PRO A 245 -17.74 18.67 9.09
C PRO A 245 -18.01 17.34 9.79
N SER A 246 -17.25 17.02 10.84
CA SER A 246 -17.47 15.87 11.70
C SER A 246 -17.30 14.53 10.96
N GLY A 247 -17.01 14.58 9.67
CA GLY A 247 -16.81 13.38 8.90
C GLY A 247 -15.55 13.46 8.07
N ALA A 248 -15.06 14.69 7.88
CA ALA A 248 -13.82 14.92 7.16
C ALA A 248 -12.63 14.66 8.07
N ILE A 249 -11.44 14.74 7.49
CA ILE A 249 -10.21 14.48 8.24
C ILE A 249 -9.17 15.55 7.92
N SER A 250 -9.27 16.15 6.74
CA SER A 250 -8.27 17.09 6.26
C SER A 250 -8.91 18.45 5.96
N GLY A 251 -8.19 19.52 6.31
CA GLY A 251 -8.57 20.87 5.95
C GLY A 251 -7.37 21.64 5.45
N VAL A 252 -7.52 22.36 4.35
CA VAL A 252 -6.38 23.03 3.75
C VAL A 252 -6.83 24.21 2.87
N GLN A 253 -6.23 25.36 3.09
CA GLN A 253 -6.41 26.51 2.20
C GLN A 253 -5.25 26.60 1.24
N LYS A 254 -5.55 27.06 0.02
CA LYS A 254 -4.56 27.07 -1.05
C LYS A 254 -3.99 28.45 -1.36
N ALA A 255 -4.61 29.52 -0.85
CA ALA A 255 -4.12 30.87 -1.08
C ALA A 255 -4.13 31.63 0.24
N GLU A 256 -3.50 32.81 0.23
CA GLU A 256 -3.48 33.65 1.42
C GLU A 256 -4.89 34.16 1.72
N ASN A 257 -5.26 34.10 3.00
CA ASN A 257 -6.61 34.43 3.50
C ASN A 257 -7.70 33.94 2.53
N GLY A 258 -7.61 32.67 2.18
CA GLY A 258 -8.51 32.08 1.23
C GLY A 258 -9.43 31.05 1.83
N PRO A 259 -10.11 30.28 0.98
CA PRO A 259 -11.06 29.27 1.47
C PRO A 259 -10.38 27.97 1.82
N ILE A 260 -11.08 27.16 2.59
CA ILE A 260 -10.55 25.92 3.14
C ILE A 260 -11.28 24.74 2.49
N ASP A 261 -10.52 23.88 1.82
CA ASP A 261 -11.07 22.65 1.25
C ASP A 261 -11.05 21.55 2.30
N TRP A 262 -12.00 20.63 2.19
CA TRP A 262 -12.15 19.53 3.15
C TRP A 262 -12.25 18.21 2.39
N SER A 263 -12.00 17.13 3.13
CA SER A 263 -12.08 15.80 2.55
C SER A 263 -12.16 14.78 3.69
N GLY A 264 -12.98 13.75 3.49
CA GLY A 264 -13.06 12.66 4.44
C GLY A 264 -12.36 11.42 3.93
N ASP A 265 -11.20 11.61 3.31
CA ASP A 265 -10.47 10.50 2.71
C ASP A 265 -9.02 10.91 2.55
N MET A 266 -8.15 9.92 2.41
CA MET A 266 -6.74 10.17 2.15
C MET A 266 -6.58 10.76 0.74
N PRO A 267 -5.54 11.54 0.51
CA PRO A 267 -5.32 12.09 -0.83
C PRO A 267 -4.85 11.01 -1.80
N VAL A 268 -4.85 11.37 -3.08
CA VAL A 268 -4.38 10.43 -4.10
C VAL A 268 -2.87 10.25 -4.01
N SER A 269 -2.14 11.28 -3.56
CA SER A 269 -0.68 11.18 -3.49
C SER A 269 -0.23 10.21 -2.42
N CYS A 270 -1.03 10.03 -1.37
CA CYS A 270 -0.68 9.13 -0.27
C CYS A 270 -0.41 7.72 -0.79
N SER A 271 0.78 7.20 -0.50
CA SER A 271 1.18 5.87 -0.94
C SER A 271 0.78 4.84 0.12
N LEU A 272 -0.52 4.56 0.16
CA LEU A 272 -1.09 3.57 1.05
C LEU A 272 -2.25 2.92 0.33
N SER A 273 -2.35 1.59 0.43
CA SER A 273 -3.33 0.86 -0.36
C SER A 273 -4.74 1.28 0.00
N ARG A 274 -5.60 1.41 -1.03
CA ARG A 274 -7.01 1.72 -0.81
C ARG A 274 -7.67 0.67 0.07
N GLY A 275 -7.19 -0.57 0.03
CA GLY A 275 -7.70 -1.60 0.92
C GLY A 275 -7.46 -1.29 2.38
N LEU A 276 -6.51 -0.42 2.69
CA LEU A 276 -6.28 0.02 4.06
C LEU A 276 -6.95 1.34 4.40
N GLN A 277 -7.03 2.26 3.43
CA GLN A 277 -7.71 3.53 3.68
C GLN A 277 -9.19 3.34 3.98
N VAL A 278 -9.80 2.29 3.43
CA VAL A 278 -11.24 2.10 3.58
C VAL A 278 -11.62 1.89 5.04
N LEU A 279 -10.79 1.17 5.78
CA LEU A 279 -11.05 0.94 7.20
C LEU A 279 -10.17 1.79 8.10
N LEU A 280 -9.34 2.67 7.54
CA LEU A 280 -8.58 3.63 8.33
C LEU A 280 -9.22 5.00 8.39
N THR A 281 -9.95 5.40 7.34
CA THR A 281 -10.70 6.65 7.38
C THR A 281 -11.70 6.73 8.53
N PRO A 282 -12.53 5.71 8.80
CA PRO A 282 -13.55 5.89 9.84
C PRO A 282 -12.99 6.15 11.23
N VAL A 283 -11.88 5.50 11.60
CA VAL A 283 -11.34 5.72 12.95
C VAL A 283 -10.78 7.14 13.08
N LEU A 284 -10.20 7.69 12.02
CA LEU A 284 -9.67 9.04 12.09
C LEU A 284 -10.79 10.07 12.13
N ALA A 285 -11.79 9.94 11.24
CA ALA A 285 -12.86 10.91 11.14
C ALA A 285 -13.75 10.95 12.38
N ASN A 286 -13.65 9.95 13.27
CA ASN A 286 -14.49 9.91 14.46
C ASN A 286 -13.70 10.05 15.75
N ILE A 287 -12.37 10.15 15.69
CA ILE A 287 -11.59 10.57 16.84
C ILE A 287 -11.19 12.03 16.76
N LEU A 288 -11.20 12.62 15.57
CA LEU A 288 -10.91 14.04 15.38
C LEU A 288 -12.16 14.90 15.49
N GLU A 289 -13.20 14.42 16.15
CA GLU A 289 -14.43 15.18 16.37
C GLU A 289 -14.41 15.74 17.78
N ALA A 290 -14.47 17.07 17.90
CA ALA A 290 -14.41 17.71 19.21
C ALA A 290 -15.60 17.36 20.09
N ASP A 291 -16.74 16.99 19.50
CA ASP A 291 -17.91 16.58 20.26
C ASP A 291 -17.60 15.30 21.04
N GLN A 292 -17.34 15.42 22.34
CA GLN A 292 -17.01 14.26 23.16
C GLN A 292 -18.17 13.29 23.30
N GLU A 293 -19.40 13.70 22.93
CA GLU A 293 -20.53 12.79 22.96
C GLU A 293 -20.38 11.69 21.91
N LYS A 294 -20.03 12.08 20.68
CA LYS A 294 -19.88 11.11 19.59
C LYS A 294 -18.41 10.99 19.17
N CYS A 295 -17.55 10.65 20.13
CA CYS A 295 -16.14 10.39 19.86
C CYS A 295 -15.75 9.07 20.51
N TRP A 296 -14.92 8.31 19.81
CA TRP A 296 -14.52 7.00 20.32
C TRP A 296 -13.79 7.14 21.64
N GLY A 297 -14.15 6.28 22.60
CA GLY A 297 -13.34 6.10 23.79
C GLY A 297 -12.11 5.27 23.48
N PHE A 298 -11.29 5.04 24.51
CA PHE A 298 -10.10 4.24 24.29
C PHE A 298 -10.44 2.77 24.07
N ASP A 299 -11.39 2.24 24.84
CA ASP A 299 -11.78 0.84 24.70
C ASP A 299 -12.29 0.56 23.29
N GLN A 300 -13.05 1.49 22.72
CA GLN A 300 -13.49 1.33 21.33
C GLN A 300 -12.36 1.63 20.36
N PHE A 301 -11.46 2.57 20.70
CA PHE A 301 -10.30 2.82 19.86
C PHE A 301 -9.39 1.59 19.80
N PHE A 302 -9.07 1.02 20.96
CA PHE A 302 -8.26 -0.19 20.98
C PHE A 302 -8.97 -1.37 20.35
N ALA A 303 -10.30 -1.32 20.26
CA ALA A 303 -11.05 -2.40 19.63
C ALA A 303 -10.98 -2.33 18.11
N GLU A 304 -11.24 -1.14 17.54
CA GLU A 304 -11.20 -1.01 16.08
C GLU A 304 -9.77 -1.13 15.55
N THR A 305 -8.80 -0.61 16.30
CA THR A 305 -7.41 -0.70 15.84
C THR A 305 -6.91 -2.13 15.87
N SER A 306 -7.19 -2.87 16.95
CA SER A 306 -6.80 -4.27 17.01
C SER A 306 -7.45 -5.06 15.88
N ASP A 307 -8.69 -4.71 15.52
CA ASP A 307 -9.35 -5.33 14.38
C ASP A 307 -8.53 -5.13 13.10
N ILE A 308 -7.94 -3.94 12.94
CA ILE A 308 -7.09 -3.69 11.79
C ILE A 308 -5.81 -4.51 11.86
N LEU A 309 -5.19 -4.56 13.04
CA LEU A 309 -3.90 -5.22 13.18
C LEU A 309 -4.03 -6.74 13.15
N HIS A 310 -5.14 -7.29 13.62
CA HIS A 310 -5.30 -8.75 13.65
C HIS A 310 -5.56 -9.34 12.28
N ARG A 311 -5.81 -8.51 11.26
CA ARG A 311 -6.11 -9.00 9.93
C ARG A 311 -4.83 -9.38 9.19
N MET A 312 -5.02 -10.12 8.10
CA MET A 312 -3.94 -10.47 7.17
C MET A 312 -4.27 -9.89 5.80
N VAL A 313 -3.28 -9.86 4.92
CA VAL A 313 -3.40 -9.27 3.60
C VAL A 313 -3.37 -10.38 2.56
N ILE A 314 -4.29 -10.30 1.60
CA ILE A 314 -4.30 -11.17 0.42
C ILE A 314 -4.16 -10.27 -0.79
N HIS A 315 -3.14 -10.54 -1.61
CA HIS A 315 -2.84 -9.71 -2.76
C HIS A 315 -3.68 -10.18 -3.95
N VAL A 316 -4.36 -9.23 -4.59
CA VAL A 316 -5.25 -9.51 -5.71
C VAL A 316 -5.01 -8.46 -6.79
N PHE A 317 -4.76 -8.93 -8.01
CA PHE A 317 -4.53 -8.05 -9.15
C PHE A 317 -5.66 -8.24 -10.15
N SER A 318 -6.50 -7.23 -10.31
CA SER A 318 -7.57 -7.24 -11.31
C SER A 318 -6.94 -7.16 -12.69
N LEU A 319 -6.89 -8.29 -13.40
CA LEU A 319 -6.21 -8.33 -14.69
C LEU A 319 -6.97 -7.51 -15.73
N GLN A 320 -8.30 -7.59 -15.72
CA GLN A 320 -9.08 -6.88 -16.73
C GLN A 320 -9.03 -5.37 -16.53
N GLN A 321 -8.74 -4.89 -15.32
CA GLN A 321 -8.65 -3.47 -15.04
C GLN A 321 -7.23 -2.98 -14.81
N MET A 322 -6.25 -3.90 -14.70
CA MET A 322 -4.86 -3.55 -14.44
C MET A 322 -4.74 -2.72 -13.16
N THR A 323 -5.31 -3.26 -12.08
CA THR A 323 -5.30 -2.60 -10.78
C THR A 323 -4.96 -3.62 -9.72
N ALA A 324 -3.89 -3.37 -8.95
CA ALA A 324 -3.54 -4.22 -7.84
C ALA A 324 -4.32 -3.81 -6.60
N HIS A 325 -4.58 -4.78 -5.72
CA HIS A 325 -5.39 -4.53 -4.54
C HIS A 325 -4.87 -5.38 -3.39
N LYS A 326 -5.27 -4.98 -2.18
CA LYS A 326 -4.93 -5.70 -0.96
C LYS A 326 -6.18 -5.87 -0.13
N ILE A 327 -6.54 -7.11 0.14
CA ILE A 327 -7.75 -7.44 0.90
C ILE A 327 -7.33 -7.67 2.35
N TYR A 328 -7.71 -6.76 3.24
CA TYR A 328 -7.47 -6.91 4.67
C TYR A 328 -8.63 -7.70 5.27
N ILE A 329 -8.35 -8.94 5.66
CA ILE A 329 -9.37 -9.89 6.07
C ILE A 329 -8.84 -10.71 7.23
N HIS A 330 -9.68 -10.95 8.24
CA HIS A 330 -9.28 -11.74 9.39
C HIS A 330 -8.98 -13.18 8.97
N SER A 331 -8.11 -13.83 9.75
CA SER A 331 -7.71 -15.20 9.43
C SER A 331 -8.84 -16.20 9.63
N TYR A 332 -9.91 -15.81 10.33
CA TYR A 332 -11.03 -16.71 10.57
C TYR A 332 -12.20 -16.45 9.64
N ASN A 333 -12.13 -15.42 8.80
CA ASN A 333 -13.22 -15.14 7.87
C ASN A 333 -13.27 -16.20 6.77
N THR A 334 -14.35 -16.17 6.01
CA THR A 334 -14.58 -17.13 4.94
C THR A 334 -14.32 -16.48 3.58
N ALA A 335 -14.45 -17.29 2.52
CA ALA A 335 -14.21 -16.79 1.17
C ALA A 335 -15.35 -15.94 0.65
N THR A 336 -16.57 -16.10 1.19
CA THR A 336 -17.69 -15.28 0.73
C THR A 336 -17.46 -13.81 1.06
N ILE A 337 -17.08 -13.52 2.31
CA ILE A 337 -16.74 -12.14 2.68
C ILE A 337 -15.50 -11.68 1.94
N PHE A 338 -14.61 -12.60 1.58
CA PHE A 338 -13.44 -12.24 0.79
C PHE A 338 -13.85 -11.74 -0.60
N HIS A 339 -14.81 -12.41 -1.24
CA HIS A 339 -15.30 -11.92 -2.52
C HIS A 339 -16.06 -10.62 -2.37
N GLU A 340 -16.72 -10.42 -1.22
CA GLU A 340 -17.40 -9.15 -0.97
C GLU A 340 -16.40 -8.00 -0.85
N LEU A 341 -15.27 -8.25 -0.17
CA LEU A 341 -14.24 -7.23 -0.05
C LEU A 341 -13.62 -6.89 -1.40
N VAL A 342 -13.57 -7.87 -2.32
CA VAL A 342 -13.09 -7.58 -3.67
C VAL A 342 -14.11 -6.73 -4.41
N TYR A 343 -15.40 -7.01 -4.22
CA TYR A 343 -16.44 -6.19 -4.82
C TYR A 343 -16.40 -4.76 -4.28
N LYS A 344 -16.04 -4.60 -3.00
CA LYS A 344 -15.96 -3.27 -2.42
C LYS A 344 -14.85 -2.43 -3.04
N GLN A 345 -13.83 -3.07 -3.62
CA GLN A 345 -12.71 -2.36 -4.23
C GLN A 345 -12.84 -2.22 -5.74
N THR A 346 -13.10 -3.33 -6.44
CA THR A 346 -13.09 -3.32 -7.90
C THR A 346 -14.48 -3.46 -8.52
N LYS A 347 -15.53 -3.59 -7.70
CA LYS A 347 -16.92 -3.68 -8.18
C LYS A 347 -17.16 -4.93 -9.04
N ILE A 348 -16.49 -6.03 -8.72
CA ILE A 348 -16.69 -7.31 -9.40
C ILE A 348 -17.63 -8.16 -8.57
N ILE A 349 -18.65 -8.73 -9.22
CA ILE A 349 -19.67 -9.48 -8.50
C ILE A 349 -19.10 -10.80 -8.02
N SER A 350 -19.47 -11.19 -6.80
CA SER A 350 -19.07 -12.47 -6.25
C SER A 350 -19.59 -13.61 -7.12
N SER A 351 -18.91 -14.76 -7.05
CA SER A 351 -19.22 -15.96 -7.82
C SER A 351 -18.99 -15.76 -9.32
N ASN A 352 -18.91 -14.51 -9.77
CA ASN A 352 -18.44 -14.19 -11.10
C ASN A 352 -16.94 -13.91 -11.13
N GLN A 353 -16.32 -13.80 -9.96
CA GLN A 353 -14.89 -13.56 -9.84
C GLN A 353 -14.15 -14.87 -10.09
N GLU A 354 -13.47 -14.96 -11.25
CA GLU A 354 -12.69 -16.13 -11.59
C GLU A 354 -11.23 -15.87 -11.23
N LEU A 355 -10.68 -16.71 -10.36
CA LEU A 355 -9.39 -16.46 -9.72
C LEU A 355 -8.31 -17.34 -10.33
N ILE A 356 -7.13 -16.76 -10.53
CA ILE A 356 -5.99 -17.45 -11.12
C ILE A 356 -4.81 -17.32 -10.17
N TYR A 357 -4.01 -18.38 -10.07
CA TYR A 357 -2.86 -18.39 -9.17
C TYR A 357 -1.89 -19.46 -9.60
N GLU A 358 -0.62 -19.08 -9.79
CA GLU A 358 0.46 -19.99 -10.21
C GLU A 358 0.11 -20.71 -11.50
N GLY A 359 -0.55 -20.00 -12.41
CA GLY A 359 -0.89 -20.55 -13.71
C GLY A 359 -2.13 -21.40 -13.75
N ARG A 360 -2.78 -21.64 -12.62
CA ARG A 360 -3.96 -22.50 -12.55
C ARG A 360 -5.14 -21.71 -11.99
N ARG A 361 -6.35 -22.20 -12.29
CA ARG A 361 -7.54 -21.62 -11.72
C ARG A 361 -7.63 -21.96 -10.23
N LEU A 362 -8.30 -21.10 -9.46
CA LEU A 362 -8.30 -21.26 -8.01
C LEU A 362 -9.41 -22.19 -7.53
N VAL A 363 -10.65 -21.96 -7.99
CA VAL A 363 -11.80 -22.78 -7.62
C VAL A 363 -11.90 -22.84 -6.11
N LEU A 364 -12.21 -21.71 -5.48
CA LEU A 364 -12.29 -21.66 -4.03
C LEU A 364 -13.68 -22.10 -3.56
N GLU A 365 -13.75 -22.47 -2.28
CA GLU A 365 -14.98 -22.90 -1.67
C GLU A 365 -15.52 -21.84 -0.71
N PRO A 366 -16.84 -21.70 -0.58
CA PRO A 366 -17.40 -20.64 0.27
C PRO A 366 -17.16 -20.84 1.76
N GLY A 367 -16.67 -22.00 2.19
CA GLY A 367 -16.49 -22.24 3.61
C GLY A 367 -15.04 -22.22 4.08
N ARG A 368 -14.11 -22.14 3.14
CA ARG A 368 -12.69 -22.16 3.50
C ARG A 368 -12.31 -20.89 4.25
N LEU A 369 -11.57 -21.07 5.34
CA LEU A 369 -11.12 -19.95 6.14
C LEU A 369 -10.00 -19.21 5.41
N ALA A 370 -9.80 -17.94 5.81
CA ALA A 370 -8.80 -17.10 5.15
C ALA A 370 -7.39 -17.55 5.47
N GLN A 371 -7.18 -18.22 6.60
CA GLN A 371 -5.86 -18.69 6.98
C GLN A 371 -5.42 -19.92 6.19
N HIS A 372 -6.31 -20.49 5.38
CA HIS A 372 -5.97 -21.61 4.51
C HIS A 372 -5.74 -21.20 3.07
N PHE A 373 -5.86 -19.90 2.77
CA PHE A 373 -5.59 -19.40 1.43
C PHE A 373 -4.11 -19.60 1.09
N PRO A 374 -3.75 -19.59 -0.19
CA PRO A 374 -2.34 -19.63 -0.56
C PRO A 374 -1.65 -18.32 -0.22
N LYS A 375 -0.31 -18.35 -0.28
CA LYS A 375 0.48 -17.16 0.00
C LYS A 375 0.25 -16.11 -1.08
N THR A 376 0.45 -14.85 -0.71
CA THR A 376 0.21 -13.72 -1.60
C THR A 376 1.25 -12.64 -1.36
N THR A 377 1.93 -12.23 -2.42
CA THR A 377 2.89 -11.13 -2.38
C THR A 377 2.51 -10.12 -3.46
N GLU A 378 3.20 -8.98 -3.45
CA GLU A 378 3.00 -8.01 -4.51
C GLU A 378 3.45 -8.55 -5.86
N GLU A 379 4.50 -9.38 -5.86
CA GLU A 379 5.00 -9.99 -7.08
C GLU A 379 4.34 -11.32 -7.40
N ASN A 380 3.48 -11.82 -6.51
CA ASN A 380 2.74 -13.07 -6.75
C ASN A 380 1.31 -12.91 -6.26
N PRO A 381 0.52 -12.04 -6.89
CA PRO A 381 -0.86 -11.83 -6.44
C PRO A 381 -1.84 -12.71 -7.21
N ILE A 382 -3.01 -12.91 -6.60
CA ILE A 382 -4.08 -13.63 -7.25
C ILE A 382 -4.69 -12.77 -8.35
N PHE A 383 -4.80 -13.33 -9.55
CA PHE A 383 -5.36 -12.61 -10.67
C PHE A 383 -6.88 -12.85 -10.75
N VAL A 384 -7.59 -11.84 -11.26
CA VAL A 384 -9.05 -11.82 -11.20
C VAL A 384 -9.61 -11.41 -12.55
N VAL A 385 -10.44 -12.27 -13.14
CA VAL A 385 -11.24 -11.95 -14.31
C VAL A 385 -12.71 -12.12 -13.92
N SER A 386 -13.60 -11.72 -14.83
CA SER A 386 -15.01 -11.70 -14.53
C SER A 386 -15.93 -12.14 -15.66
N ARG A 387 -15.38 -12.49 -16.84
CA ARG A 387 -16.16 -12.90 -18.01
C ARG A 387 -17.06 -11.79 -18.54
N GLU A 388 -17.21 -10.69 -17.78
CA GLU A 388 -17.98 -9.53 -18.16
C GLU A 388 -17.07 -8.40 -18.62
N PRO A 389 -17.55 -7.51 -19.47
CA PRO A 389 -16.72 -6.35 -19.88
C PRO A 389 -16.44 -5.44 -18.70
N LEU A 390 -15.15 -5.22 -18.45
CA LEU A 390 -14.69 -4.38 -17.34
C LEU A 390 -13.93 -3.18 -17.88
N ASN A 391 -14.17 -2.02 -17.27
CA ASN A 391 -13.48 -0.80 -17.66
C ASN A 391 -12.04 -0.83 -17.16
N THR A 392 -11.10 -0.77 -18.10
CA THR A 392 -9.68 -0.76 -17.75
C THR A 392 -9.24 0.67 -17.47
N ILE A 393 -8.77 0.91 -16.26
CA ILE A 393 -8.42 2.26 -15.81
C ILE A 393 -6.94 2.33 -15.47
N GLY A 394 -6.37 1.22 -14.99
CA GLY A 394 -4.98 1.21 -14.60
C GLY A 394 -4.75 1.91 -13.28
N LEU A 395 -3.51 2.35 -13.08
CA LEU A 395 -3.12 3.05 -11.87
C LEU A 395 -3.41 4.54 -11.98
N ILE A 396 -3.88 5.12 -10.88
CA ILE A 396 -4.16 6.55 -10.79
C ILE A 396 -3.17 7.18 -9.83
N TYR A 397 -2.35 8.10 -10.33
CA TYR A 397 -1.37 8.81 -9.53
C TYR A 397 -1.56 10.31 -9.72
N GLU A 398 -1.09 11.07 -8.73
CA GLU A 398 -1.26 12.52 -8.72
C GLU A 398 -0.09 13.17 -9.43
N LYS A 399 -0.37 13.95 -10.47
CA LYS A 399 0.65 14.73 -11.13
C LYS A 399 1.11 15.86 -10.23
N ILE A 400 2.42 16.09 -10.18
CA ILE A 400 3.02 17.05 -9.26
C ILE A 400 3.47 18.32 -9.97
N SER A 401 4.03 18.19 -11.17
CA SER A 401 4.52 19.32 -11.98
C SER A 401 5.72 20.00 -11.35
N LEU A 402 6.03 19.66 -10.10
CA LEU A 402 7.31 19.94 -9.43
C LEU A 402 7.42 21.40 -9.01
N PRO A 403 8.37 21.75 -8.12
CA PRO A 403 8.55 23.16 -7.76
C PRO A 403 9.70 23.82 -8.50
N LYS A 404 9.87 25.12 -8.32
CA LYS A 404 10.95 25.88 -8.92
C LYS A 404 12.04 26.17 -7.88
N VAL A 405 13.25 26.43 -8.37
CA VAL A 405 14.38 26.81 -7.54
C VAL A 405 14.65 28.29 -7.73
N HIS A 406 14.71 29.02 -6.62
CA HIS A 406 14.97 30.44 -6.80
C HIS A 406 16.45 30.74 -6.65
N PRO A 407 17.02 31.62 -7.48
CA PRO A 407 18.43 31.99 -7.33
C PRO A 407 18.77 32.66 -6.00
N ARG A 408 17.79 32.91 -5.14
CA ARG A 408 18.06 33.45 -3.82
C ARG A 408 18.90 32.48 -3.00
N TYR A 409 19.85 33.01 -2.26
CA TYR A 409 20.78 32.20 -1.46
C TYR A 409 20.20 31.79 -0.11
N ASP A 410 18.91 32.02 0.12
CA ASP A 410 18.28 31.66 1.40
C ASP A 410 18.53 30.21 1.75
N LEU A 411 19.33 29.98 2.81
CA LEU A 411 19.71 28.62 3.18
C LEU A 411 18.50 27.82 3.66
N ASP A 412 17.76 28.35 4.62
CA ASP A 412 16.56 27.66 5.12
C ASP A 412 15.54 27.48 4.01
N GLY A 413 15.43 28.46 3.11
CA GLY A 413 14.57 28.28 1.96
C GLY A 413 15.07 27.20 1.03
N ASP A 414 16.39 27.15 0.80
CA ASP A 414 16.97 26.08 -0.01
C ASP A 414 16.84 24.72 0.67
N ALA A 415 16.90 24.70 2.01
CA ALA A 415 16.73 23.43 2.72
C ALA A 415 15.29 22.94 2.64
N SER A 416 14.32 23.83 2.87
CA SER A 416 12.93 23.43 2.76
C SER A 416 12.54 23.12 1.32
N MET A 417 13.12 23.84 0.37
CA MET A 417 12.86 23.55 -1.03
C MET A 417 13.44 22.20 -1.44
N ALA A 418 14.68 21.91 -1.03
CA ALA A 418 15.30 20.64 -1.37
C ALA A 418 14.53 19.46 -0.77
N LYS A 419 13.92 19.66 0.40
CA LYS A 419 13.15 18.58 1.03
C LYS A 419 11.91 18.25 0.20
N ALA A 420 11.23 19.28 -0.32
CA ALA A 420 10.01 19.04 -1.08
C ALA A 420 10.32 18.44 -2.45
N ILE A 421 11.35 18.96 -3.13
CA ILE A 421 11.62 18.52 -4.50
C ILE A 421 12.21 17.11 -4.51
N THR A 422 12.97 16.74 -3.48
CA THR A 422 13.50 15.38 -3.40
C THR A 422 12.40 14.38 -3.09
N GLY A 423 11.42 14.76 -2.29
CA GLY A 423 10.25 13.92 -2.10
C GLY A 423 9.41 13.78 -3.35
N VAL A 424 9.49 14.76 -4.26
CA VAL A 424 8.73 14.67 -5.50
C VAL A 424 9.34 13.62 -6.42
N VAL A 425 10.65 13.70 -6.66
CA VAL A 425 11.31 12.72 -7.50
C VAL A 425 11.28 11.34 -6.84
N CYS A 426 11.28 11.28 -5.51
CA CYS A 426 11.08 10.01 -4.84
C CYS A 426 9.66 9.49 -5.06
N TYR A 427 8.68 10.38 -5.22
CA TYR A 427 7.34 9.95 -5.60
C TYR A 427 7.33 9.40 -7.02
N ALA A 428 8.09 10.03 -7.92
CA ALA A 428 8.15 9.55 -9.30
C ALA A 428 8.82 8.18 -9.38
N CYS A 429 9.82 7.92 -8.52
CA CYS A 429 10.41 6.60 -8.46
C CYS A 429 9.40 5.57 -7.95
N ARG A 430 8.61 5.94 -6.94
CA ARG A 430 7.61 5.02 -6.43
C ARG A 430 6.53 4.73 -7.47
N ILE A 431 6.15 5.75 -8.24
CA ILE A 431 5.18 5.55 -9.31
C ILE A 431 5.79 4.71 -10.43
N ALA A 432 7.06 4.95 -10.75
CA ALA A 432 7.71 4.21 -11.82
C ALA A 432 7.85 2.74 -11.47
N SER A 433 8.16 2.43 -10.21
CA SER A 433 8.24 1.04 -9.78
C SER A 433 6.86 0.40 -9.74
N THR A 434 5.82 1.18 -9.46
CA THR A 434 4.48 0.62 -9.46
C THR A 434 3.98 0.37 -10.88
N LEU A 435 4.34 1.26 -11.82
CA LEU A 435 3.96 1.05 -13.21
C LEU A 435 4.74 -0.10 -13.83
N LEU A 436 5.99 -0.31 -13.42
CA LEU A 436 6.75 -1.46 -13.91
C LEU A 436 6.16 -2.76 -13.36
N LEU A 437 5.84 -2.79 -12.07
CA LEU A 437 5.20 -3.96 -11.49
C LEU A 437 3.90 -4.28 -12.20
N TYR A 438 3.09 -3.25 -12.49
CA TYR A 438 1.83 -3.48 -13.19
C TYR A 438 2.05 -4.11 -14.56
N GLN A 439 3.02 -3.60 -15.32
CA GLN A 439 3.28 -4.13 -16.65
C GLN A 439 3.72 -5.58 -16.59
N GLU A 440 4.67 -5.88 -15.69
CA GLU A 440 5.15 -7.26 -15.57
C GLU A 440 4.06 -8.19 -15.04
N LEU A 441 3.18 -7.69 -14.17
CA LEU A 441 2.09 -8.53 -13.67
C LEU A 441 1.07 -8.81 -14.76
N MET A 442 0.82 -7.82 -15.62
CA MET A 442 -0.05 -8.05 -16.77
C MET A 442 0.54 -9.11 -17.69
N ARG A 443 1.86 -9.07 -17.89
CA ARG A 443 2.50 -10.07 -18.73
C ARG A 443 2.35 -11.47 -18.16
N LYS A 444 2.44 -11.61 -16.83
CA LYS A 444 2.29 -12.92 -16.22
C LYS A 444 0.84 -13.37 -16.23
N GLY A 445 -0.09 -12.47 -15.90
CA GLY A 445 -1.50 -12.84 -15.90
C GLY A 445 -2.02 -13.18 -17.27
N ILE A 446 -1.55 -12.47 -18.30
CA ILE A 446 -1.94 -12.77 -19.67
C ILE A 446 -1.31 -14.08 -20.13
N ARG A 447 -0.03 -14.28 -19.82
CA ARG A 447 0.64 -15.51 -20.21
C ARG A 447 -0.02 -16.73 -19.58
N TRP A 448 -0.49 -16.59 -18.34
CA TRP A 448 -1.25 -17.67 -17.71
C TRP A 448 -2.63 -17.81 -18.34
N LEU A 449 -3.30 -16.68 -18.60
CA LEU A 449 -4.67 -16.72 -19.08
C LEU A 449 -4.79 -17.46 -20.41
N ILE A 450 -3.79 -17.29 -21.29
CA ILE A 450 -3.81 -18.00 -22.56
C ILE A 450 -3.68 -19.49 -22.33
N GLU A 451 -2.75 -19.90 -21.45
CA GLU A 451 -2.58 -21.31 -21.13
C GLU A 451 -3.74 -21.86 -20.31
N LEU A 452 -4.61 -21.00 -19.79
CA LEU A 452 -5.84 -21.45 -19.14
C LEU A 452 -6.97 -21.63 -20.13
N ILE A 453 -7.05 -20.75 -21.14
CA ILE A 453 -8.04 -20.92 -22.20
C ILE A 453 -7.72 -22.17 -23.02
N LYS A 454 -6.43 -22.44 -23.25
CA LYS A 454 -6.04 -23.63 -24.00
C LYS A 454 -6.47 -24.90 -23.28
N ASP A 455 -6.40 -24.91 -21.95
CA ASP A 455 -6.83 -26.07 -21.18
C ASP A 455 -8.32 -26.29 -21.33
N ASP A 456 -9.12 -25.23 -21.18
CA ASP A 456 -10.56 -25.34 -21.41
C ASP A 456 -10.85 -25.73 -22.86
N TYR A 457 -10.03 -25.24 -23.79
CA TYR A 457 -10.18 -25.64 -25.20
C TYR A 457 -9.92 -27.13 -25.37
N ASN A 458 -8.91 -27.66 -24.69
CA ASN A 458 -8.61 -29.08 -24.80
C ASN A 458 -9.67 -29.93 -24.11
N GLU A 459 -10.27 -29.42 -23.02
CA GLU A 459 -11.35 -30.14 -22.38
C GLU A 459 -12.58 -30.21 -23.29
N THR A 460 -12.82 -29.15 -24.07
CA THR A 460 -13.91 -29.19 -25.04
C THR A 460 -13.64 -30.20 -26.14
N VAL A 461 -12.38 -30.32 -26.55
CA VAL A 461 -12.02 -31.32 -27.55
C VAL A 461 -12.23 -32.73 -27.00
N HIS A 462 -11.96 -32.93 -25.72
CA HIS A 462 -12.19 -34.23 -25.09
C HIS A 462 -13.66 -34.63 -25.16
N LYS A 463 -14.55 -33.70 -24.82
CA LYS A 463 -15.98 -33.98 -24.94
C LYS A 463 -16.43 -34.05 -26.39
N LYS A 464 -15.70 -33.42 -27.31
CA LYS A 464 -16.05 -33.53 -28.73
C LYS A 464 -15.84 -34.95 -29.23
N THR A 465 -14.64 -35.50 -29.01
CA THR A 465 -14.37 -36.87 -29.46
C THR A 465 -15.21 -37.89 -28.70
N GLU A 466 -15.65 -37.55 -27.48
CA GLU A 466 -16.62 -38.41 -26.79
C GLU A 466 -17.94 -38.46 -27.54
N VAL A 467 -18.30 -37.38 -28.23
CA VAL A 467 -19.50 -37.39 -29.06
C VAL A 467 -19.19 -38.02 -30.43
N VAL A 468 -17.97 -37.85 -30.93
CA VAL A 468 -17.61 -38.41 -32.24
C VAL A 468 -17.70 -39.94 -32.20
N ILE A 469 -16.98 -40.56 -31.26
CA ILE A 469 -16.98 -42.03 -31.18
C ILE A 469 -18.38 -42.54 -30.86
N THR A 470 -19.17 -41.77 -30.11
CA THR A 470 -20.56 -42.15 -29.88
C THR A 470 -21.39 -42.01 -31.15
N LEU A 471 -21.14 -40.95 -31.93
CA LEU A 471 -21.84 -40.78 -33.20
C LEU A 471 -21.44 -41.86 -34.20
N ASP A 472 -20.18 -42.31 -34.17
CA ASP A 472 -19.74 -43.35 -35.08
C ASP A 472 -20.36 -44.70 -34.74
N PHE A 473 -20.48 -45.00 -33.45
CA PHE A 473 -20.99 -46.29 -33.01
C PHE A 473 -22.50 -46.39 -33.08
N CYS A 474 -23.21 -45.28 -33.32
CA CYS A 474 -24.64 -45.32 -33.59
C CYS A 474 -24.95 -45.25 -35.07
N ILE A 475 -24.10 -44.61 -35.87
CA ILE A 475 -24.29 -44.60 -37.32
C ILE A 475 -24.02 -45.98 -37.89
N ARG A 476 -22.84 -46.55 -37.61
CA ARG A 476 -22.47 -47.83 -38.17
C ARG A 476 -23.30 -48.99 -37.61
N ASN A 477 -24.00 -48.76 -36.50
CA ASN A 477 -24.92 -49.78 -35.98
C ASN A 477 -26.28 -49.70 -36.65
N ILE A 478 -26.75 -48.48 -36.96
CA ILE A 478 -28.01 -48.33 -37.69
C ILE A 478 -27.83 -48.78 -39.14
N GLU A 479 -26.70 -48.44 -39.75
CA GLU A 479 -26.42 -48.88 -41.11
C GLU A 479 -26.11 -50.36 -41.19
N LYS A 480 -25.83 -51.02 -40.05
CA LYS A 480 -25.57 -52.45 -40.04
C LYS A 480 -26.87 -53.25 -40.03
N THR A 481 -27.84 -52.83 -39.20
CA THR A 481 -29.11 -53.55 -39.13
C THR A 481 -29.89 -53.48 -40.43
N VAL A 482 -29.75 -52.38 -41.17
CA VAL A 482 -30.45 -52.22 -42.43
C VAL A 482 -29.71 -52.98 -43.54
N GLU A 497 -43.44 -48.56 -42.94
CA GLU A 497 -42.27 -49.32 -42.50
C GLU A 497 -40.99 -48.64 -42.96
N LEU A 498 -39.90 -48.87 -42.23
CA LEU A 498 -38.58 -48.35 -42.55
C LEU A 498 -38.57 -46.83 -42.71
N GLY A 499 -39.61 -46.15 -42.20
CA GLY A 499 -39.63 -44.71 -42.20
C GLY A 499 -38.80 -44.17 -41.06
N GLU A 500 -38.91 -44.80 -39.89
CA GLU A 500 -38.08 -44.43 -38.75
C GLU A 500 -36.60 -44.67 -39.03
N ILE A 501 -36.27 -45.54 -39.98
CA ILE A 501 -34.87 -45.75 -40.34
C ILE A 501 -34.30 -44.50 -41.00
N SER A 502 -34.98 -43.99 -42.02
CA SER A 502 -34.48 -42.80 -42.71
C SER A 502 -34.64 -41.54 -41.87
N ASP A 503 -35.69 -41.47 -41.05
CA ASP A 503 -35.88 -40.31 -40.19
C ASP A 503 -34.73 -40.19 -39.19
N ILE A 504 -34.41 -41.27 -38.49
CA ILE A 504 -33.31 -41.25 -37.53
C ILE A 504 -31.98 -41.03 -38.23
N HIS A 505 -31.80 -41.65 -39.40
CA HIS A 505 -30.54 -41.51 -40.13
C HIS A 505 -30.29 -40.07 -40.54
N THR A 506 -31.31 -39.39 -41.05
CA THR A 506 -31.14 -37.98 -41.43
C THR A 506 -31.00 -37.08 -40.21
N LYS A 507 -31.59 -37.48 -39.07
CA LYS A 507 -31.40 -36.71 -37.84
C LYS A 507 -29.97 -36.83 -37.35
N LEU A 508 -29.36 -38.01 -37.48
CA LEU A 508 -27.94 -38.14 -37.18
C LEU A 508 -27.08 -37.39 -38.20
N LEU A 509 -27.56 -37.29 -39.44
CA LEU A 509 -26.89 -36.45 -40.43
C LEU A 509 -26.96 -34.98 -40.02
N ARG A 510 -28.03 -34.57 -39.35
CA ARG A 510 -28.11 -33.21 -38.83
C ARG A 510 -27.17 -33.01 -37.65
N LEU A 511 -26.95 -34.07 -36.85
CA LEU A 511 -26.02 -33.97 -35.74
C LEU A 511 -24.60 -33.76 -36.24
N SER A 512 -24.14 -34.61 -37.16
CA SER A 512 -22.79 -34.49 -37.69
C SER A 512 -22.62 -33.20 -38.51
N SER A 513 -23.70 -32.67 -39.06
CA SER A 513 -23.62 -31.42 -39.81
C SER A 513 -23.34 -30.24 -38.88
N SER A 514 -24.03 -30.19 -37.74
CA SER A 514 -23.78 -29.13 -36.77
C SER A 514 -22.50 -29.41 -35.97
N GLN A 515 -22.25 -30.68 -35.65
CA GLN A 515 -21.02 -31.02 -34.93
C GLN A 515 -19.78 -30.76 -35.77
N GLY A 516 -19.88 -30.91 -37.09
CA GLY A 516 -18.74 -30.65 -37.93
C GLY A 516 -18.39 -29.16 -38.01
N THR A 517 -19.41 -28.31 -38.15
CA THR A 517 -19.17 -26.88 -38.16
C THR A 517 -18.73 -26.37 -36.80
N ILE A 518 -19.00 -27.13 -35.73
CA ILE A 518 -18.41 -26.82 -34.43
C ILE A 518 -16.91 -27.08 -34.45
N GLU A 519 -16.49 -28.15 -35.12
CA GLU A 519 -15.07 -28.45 -35.23
C GLU A 519 -14.34 -27.37 -36.01
N THR A 520 -14.95 -26.88 -37.09
CA THR A 520 -14.32 -25.81 -37.88
C THR A 520 -14.21 -24.53 -37.06
N SER A 521 -15.21 -24.23 -36.24
CA SER A 521 -15.16 -23.05 -35.40
C SER A 521 -14.13 -23.21 -34.28
N LEU A 522 -13.94 -24.42 -33.78
CA LEU A 522 -12.95 -24.64 -32.73
C LEU A 522 -11.53 -24.56 -33.28
N GLN A 523 -11.27 -25.21 -34.41
CA GLN A 523 -9.93 -25.16 -34.99
C GLN A 523 -9.56 -23.74 -35.41
N ASP A 524 -10.56 -22.93 -35.77
CA ASP A 524 -10.30 -21.51 -36.02
C ASP A 524 -9.99 -20.76 -34.73
N ILE A 525 -10.64 -21.15 -33.62
CA ILE A 525 -10.33 -20.55 -32.34
C ILE A 525 -8.89 -20.86 -31.94
N ASP A 526 -8.46 -22.12 -32.14
CA ASP A 526 -7.07 -22.46 -31.89
C ASP A 526 -6.13 -21.71 -32.83
N SER A 527 -6.58 -21.43 -34.05
CA SER A 527 -5.77 -20.62 -34.97
C SER A 527 -5.53 -19.22 -34.41
N ARG A 528 -6.46 -18.72 -33.59
CA ARG A 528 -6.20 -17.49 -32.86
C ARG A 528 -5.23 -17.73 -31.71
N LEU A 529 -5.51 -18.75 -30.89
CA LEU A 529 -4.62 -19.07 -29.77
C LEU A 529 -3.24 -19.52 -30.25
N SER A 530 -3.10 -19.91 -31.51
CA SER A 530 -1.79 -20.26 -32.04
C SER A 530 -0.95 -19.00 -32.19
N PRO A 531 0.38 -19.14 -32.17
CA PRO A 531 1.24 -17.97 -32.36
C PRO A 531 1.02 -17.33 -33.73
N GLY A 532 1.29 -16.04 -33.81
CA GLY A 532 1.14 -15.26 -35.03
C GLY A 532 -0.23 -14.64 -35.21
N GLY A 533 -1.28 -15.37 -34.86
CA GLY A 533 -2.63 -14.86 -35.00
C GLY A 533 -2.98 -13.87 -33.92
N SER A 534 -4.29 -13.61 -33.80
CA SER A 534 -4.79 -12.68 -32.80
C SER A 534 -4.58 -13.24 -31.39
N LEU A 535 -4.85 -12.40 -30.40
CA LEU A 535 -4.85 -12.77 -28.99
C LEU A 535 -3.51 -13.32 -28.50
N ALA A 536 -2.44 -13.17 -29.28
CA ALA A 536 -1.14 -13.67 -28.86
C ALA A 536 -0.47 -12.67 -27.92
N ASP A 537 0.18 -13.19 -26.88
CA ASP A 537 0.88 -12.34 -25.92
C ASP A 537 2.25 -11.93 -26.46
N ALA A 538 2.29 -11.48 -27.71
CA ALA A 538 3.52 -11.01 -28.33
C ALA A 538 3.75 -9.52 -28.13
N TRP A 539 2.67 -8.72 -28.23
CA TRP A 539 2.78 -7.29 -27.96
C TRP A 539 3.14 -7.03 -26.50
N ALA A 540 2.70 -7.90 -25.60
CA ALA A 540 2.95 -7.69 -24.17
C ALA A 540 4.44 -7.70 -23.85
N HIS A 541 5.23 -8.48 -24.59
CA HIS A 541 6.67 -8.43 -24.44
C HIS A 541 7.27 -7.16 -25.05
N GLN A 542 6.45 -6.31 -25.65
CA GLN A 542 6.89 -5.04 -26.21
C GLN A 542 6.05 -3.89 -25.65
N GLU A 543 6.14 -2.72 -26.27
CA GLU A 543 5.24 -1.59 -26.00
C GLU A 543 5.33 -1.05 -24.57
N GLY A 544 6.09 -1.71 -23.70
CA GLY A 544 6.17 -1.26 -22.32
C GLY A 544 7.59 -1.13 -21.80
N THR A 545 7.74 -1.24 -20.48
CA THR A 545 9.04 -1.21 -19.84
C THR A 545 9.31 -2.55 -19.15
N HIS A 546 10.58 -2.90 -19.03
CA HIS A 546 11.01 -4.15 -18.44
C HIS A 546 12.14 -3.89 -17.45
N PRO A 547 12.34 -4.79 -16.49
CA PRO A 547 13.49 -4.65 -15.58
C PRO A 547 14.84 -4.66 -16.29
N LYS A 548 14.89 -5.01 -17.57
CA LYS A 548 16.13 -4.90 -18.32
C LYS A 548 16.48 -3.44 -18.62
N ASP A 549 15.47 -2.60 -18.85
CA ASP A 549 15.74 -1.19 -19.13
C ASP A 549 16.28 -0.47 -17.91
N ARG A 550 15.95 -0.95 -16.70
CA ARG A 550 16.44 -0.37 -15.45
C ARG A 550 16.07 1.12 -15.35
N ASN A 551 14.80 1.43 -15.65
CA ASN A 551 14.32 2.80 -15.51
C ASN A 551 14.24 3.21 -14.05
N VAL A 552 13.86 2.27 -13.17
CA VAL A 552 13.78 2.58 -11.76
C VAL A 552 15.15 2.95 -11.20
N GLU A 553 16.18 2.21 -11.62
CA GLU A 553 17.54 2.50 -11.15
C GLU A 553 18.09 3.76 -11.80
N LYS A 554 17.71 4.05 -13.05
CA LYS A 554 18.14 5.29 -13.67
C LYS A 554 17.58 6.51 -12.96
N LEU A 555 16.42 6.35 -12.30
CA LEU A 555 15.86 7.44 -11.51
C LEU A 555 16.40 7.48 -10.08
N GLN A 556 16.69 6.32 -9.51
CA GLN A 556 17.14 6.26 -8.12
C GLN A 556 18.58 6.69 -7.95
N VAL A 557 19.41 6.62 -9.00
CA VAL A 557 20.76 7.17 -8.91
C VAL A 557 20.70 8.69 -8.80
N LEU A 558 19.77 9.32 -9.53
CA LEU A 558 19.59 10.75 -9.38
C LEU A 558 18.86 11.08 -8.08
N LEU A 559 18.06 10.14 -7.57
CA LEU A 559 17.42 10.35 -6.27
C LEU A 559 18.44 10.29 -5.15
N ASN A 560 19.45 9.43 -5.28
CA ASN A 560 20.50 9.35 -4.26
C ASN A 560 21.41 10.56 -4.29
N CYS A 561 21.67 11.11 -5.49
CA CYS A 561 22.40 12.37 -5.59
C CYS A 561 21.63 13.51 -4.96
N MET A 562 20.30 13.48 -5.04
CA MET A 562 19.49 14.54 -4.49
C MET A 562 19.48 14.49 -2.96
N THR A 563 19.12 13.33 -2.40
CA THR A 563 19.04 13.19 -0.95
C THR A 563 20.38 13.44 -0.28
N GLU A 564 21.49 13.25 -1.00
CA GLU A 564 22.79 13.62 -0.45
C GLU A 564 22.94 15.14 -0.41
N ILE A 565 22.50 15.83 -1.47
CA ILE A 565 22.52 17.29 -1.47
C ILE A 565 21.59 17.83 -0.41
N TYR A 566 20.41 17.22 -0.26
CA TYR A 566 19.44 17.69 0.74
C TYR A 566 19.98 17.51 2.15
N TYR A 567 20.56 16.34 2.45
CA TYR A 567 21.13 16.12 3.77
C TYR A 567 22.22 17.14 4.06
N GLN A 568 23.00 17.52 3.05
CA GLN A 568 24.04 18.53 3.25
C GLN A 568 23.43 19.92 3.40
N PHE A 569 22.32 20.19 2.70
CA PHE A 569 21.67 21.49 2.84
C PHE A 569 21.08 21.65 4.24
N LYS A 570 20.57 20.56 4.82
CA LYS A 570 20.06 20.63 6.20
C LYS A 570 21.20 20.84 7.19
N LYS A 571 22.40 20.36 6.87
CA LYS A 571 23.56 20.67 7.71
C LYS A 571 23.94 22.13 7.60
N ASP A 572 23.78 22.73 6.41
CA ASP A 572 24.06 24.14 6.23
C ASP A 572 23.10 25.01 7.04
N LYS A 573 21.88 24.52 7.28
CA LYS A 573 20.94 25.26 8.12
C LYS A 573 21.47 25.39 9.54
N ALA A 574 22.05 24.32 10.08
CA ALA A 574 22.60 24.38 11.43
C ALA A 574 23.85 25.25 11.49
N GLU A 575 24.66 25.25 10.43
CA GLU A 575 25.89 26.03 10.42
C GLU A 575 25.66 27.51 10.23
N ARG A 576 24.42 27.94 9.99
CA ARG A 576 24.06 29.35 9.82
C ARG A 576 24.86 29.90 8.64
N ARG A 577 25.70 30.91 8.83
CA ARG A 577 26.51 31.41 7.72
C ARG A 577 27.60 30.40 7.35
N LEU A 578 27.90 30.33 6.07
CA LEU A 578 28.90 29.40 5.54
C LEU A 578 30.15 30.16 5.10
N ALA A 579 31.24 29.42 4.97
CA ALA A 579 32.47 29.98 4.44
C ALA A 579 32.29 30.38 2.98
N TYR A 580 33.20 31.21 2.48
CA TYR A 580 33.10 31.66 1.10
C TYR A 580 33.18 30.50 0.12
N ASN A 581 34.06 29.53 0.39
CA ASN A 581 34.14 28.35 -0.46
C ASN A 581 32.93 27.45 -0.29
N GLU A 582 32.44 27.32 0.94
CA GLU A 582 31.25 26.51 1.17
C GLU A 582 30.01 27.18 0.60
N GLU A 583 30.02 28.51 0.50
CA GLU A 583 28.94 29.20 -0.21
C GLU A 583 28.97 28.87 -1.70
N GLN A 584 30.17 28.69 -2.26
CA GLN A 584 30.29 28.33 -3.67
C GLN A 584 29.67 26.96 -3.94
N ILE A 585 30.11 25.94 -3.20
CA ILE A 585 29.63 24.59 -3.46
C ILE A 585 28.15 24.47 -3.12
N HIS A 586 27.65 25.25 -2.17
CA HIS A 586 26.22 25.27 -1.89
C HIS A 586 25.44 25.83 -3.07
N LYS A 587 26.03 26.77 -3.82
CA LYS A 587 25.36 27.33 -4.98
C LYS A 587 25.40 26.37 -6.17
N PHE A 588 26.54 25.71 -6.40
CA PHE A 588 26.65 24.81 -7.54
C PHE A 588 25.80 23.56 -7.35
N ASP A 589 25.80 23.01 -6.14
CA ASP A 589 24.95 21.85 -5.86
C ASP A 589 23.47 22.24 -5.87
N LYS A 590 23.16 23.49 -5.53
CA LYS A 590 21.79 23.98 -5.67
C LYS A 590 21.36 23.96 -7.13
N GLN A 591 22.24 24.35 -8.04
CA GLN A 591 21.92 24.27 -9.46
C GLN A 591 21.90 22.83 -9.95
N LYS A 592 22.78 21.97 -9.40
CA LYS A 592 22.76 20.56 -9.77
C LYS A 592 21.47 19.89 -9.34
N LEU A 593 20.82 20.41 -8.29
CA LEU A 593 19.52 19.89 -7.90
C LEU A 593 18.49 20.12 -8.99
N TYR A 594 18.55 21.28 -9.65
CA TYR A 594 17.65 21.55 -10.76
C TYR A 594 17.99 20.72 -11.98
N TYR A 595 19.28 20.48 -12.21
CA TYR A 595 19.68 19.63 -13.34
C TYR A 595 19.24 18.19 -13.11
N HIS A 596 19.42 17.68 -11.90
CA HIS A 596 18.96 16.33 -11.60
C HIS A 596 17.44 16.22 -11.70
N ALA A 597 16.72 17.27 -11.32
CA ALA A 597 15.26 17.23 -11.41
C ALA A 597 14.80 17.23 -12.86
N THR A 598 15.33 18.14 -13.67
CA THR A 598 14.92 18.21 -15.07
C THR A 598 15.25 16.93 -15.82
N LYS A 599 16.40 16.32 -15.52
CA LYS A 599 16.81 15.13 -16.23
C LYS A 599 16.04 13.89 -15.78
N ALA A 600 15.79 13.77 -14.47
CA ALA A 600 15.05 12.61 -13.97
C ALA A 600 13.58 12.70 -14.35
N MET A 601 12.97 13.88 -14.20
CA MET A 601 11.56 14.03 -14.51
C MET A 601 11.29 13.86 -16.00
N THR A 602 12.23 14.31 -16.85
CA THR A 602 12.09 14.08 -18.28
C THR A 602 12.21 12.60 -18.62
N HIS A 603 13.15 11.91 -17.98
CA HIS A 603 13.28 10.47 -18.19
C HIS A 603 12.08 9.70 -17.65
N PHE A 604 11.36 10.26 -16.68
CA PHE A 604 10.18 9.59 -16.15
C PHE A 604 8.95 9.79 -17.02
N THR A 605 8.82 10.95 -17.66
CA THR A 605 7.65 11.22 -18.49
C THR A 605 7.82 10.74 -19.92
N ASP A 606 9.05 10.63 -20.42
CA ASP A 606 9.32 10.21 -21.78
C ASP A 606 9.59 8.72 -21.92
N GLU A 607 10.16 8.08 -20.90
CA GLU A 607 10.35 6.63 -20.91
C GLU A 607 9.18 5.95 -20.20
N CYS A 608 9.06 6.17 -18.90
CA CYS A 608 7.88 5.71 -18.19
C CYS A 608 6.68 6.54 -18.62
N VAL A 609 5.50 6.19 -18.07
CA VAL A 609 4.25 6.88 -18.34
C VAL A 609 3.92 6.79 -19.84
N LYS A 610 4.75 7.38 -20.69
CA LYS A 610 4.45 7.41 -22.12
C LYS A 610 4.43 6.01 -22.71
N LYS A 611 5.43 5.19 -22.38
CA LYS A 611 5.37 3.79 -22.78
C LYS A 611 4.32 3.02 -22.00
N TYR A 612 4.10 3.39 -20.73
CA TYR A 612 3.04 2.76 -19.95
C TYR A 612 1.68 3.03 -20.56
N GLU A 613 1.48 4.23 -21.09
CA GLU A 613 0.20 4.55 -21.74
C GLU A 613 0.01 3.74 -23.01
N ALA A 614 1.08 3.47 -23.75
CA ALA A 614 0.96 2.67 -24.96
C ALA A 614 0.68 1.21 -24.63
N PHE A 615 1.37 0.66 -23.64
CA PHE A 615 1.09 -0.71 -23.20
C PHE A 615 -0.31 -0.85 -22.64
N LEU A 616 -0.79 0.20 -21.95
CA LEU A 616 -2.13 0.14 -21.37
C LEU A 616 -3.20 0.30 -22.43
N ASN A 617 -2.99 1.21 -23.38
CA ASN A 617 -3.97 1.40 -24.45
C ASN A 617 -4.11 0.14 -25.30
N LYS A 618 -3.01 -0.55 -25.55
CA LYS A 618 -3.06 -1.82 -26.26
C LYS A 618 -3.57 -2.97 -25.39
N SER A 619 -3.48 -2.82 -24.07
CA SER A 619 -4.07 -3.83 -23.19
C SER A 619 -5.59 -3.84 -23.29
N GLU A 620 -6.19 -2.67 -23.47
CA GLU A 620 -7.64 -2.60 -23.65
C GLU A 620 -8.08 -3.37 -24.88
N GLU A 621 -7.31 -3.28 -25.96
CA GLU A 621 -7.66 -3.99 -27.20
C GLU A 621 -7.57 -5.49 -27.01
N TRP A 622 -6.51 -5.98 -26.37
CA TRP A 622 -6.36 -7.41 -26.17
C TRP A 622 -7.38 -7.96 -25.19
N ILE A 623 -7.81 -7.16 -24.21
CA ILE A 623 -8.83 -7.61 -23.28
C ILE A 623 -10.16 -7.78 -23.99
N ARG A 624 -10.54 -6.82 -24.83
CA ARG A 624 -11.78 -6.94 -25.60
C ARG A 624 -11.77 -8.20 -26.45
N LYS A 625 -10.69 -8.43 -27.18
CA LYS A 625 -10.61 -9.63 -28.03
C LYS A 625 -10.57 -10.90 -27.19
N MET A 626 -10.12 -10.81 -25.95
CA MET A 626 -10.10 -11.98 -25.07
C MET A 626 -11.49 -12.30 -24.55
N LEU A 627 -12.27 -11.28 -24.21
CA LEU A 627 -13.65 -11.52 -23.77
C LEU A 627 -14.48 -12.09 -24.91
N HIS A 628 -14.27 -11.60 -26.13
CA HIS A 628 -14.96 -12.16 -27.28
C HIS A 628 -14.53 -13.59 -27.55
N LEU A 629 -13.26 -13.91 -27.30
CA LEU A 629 -12.78 -15.28 -27.47
C LEU A 629 -13.44 -16.22 -26.48
N ARG A 630 -13.45 -15.84 -25.19
CA ARG A 630 -14.02 -16.71 -24.18
C ARG A 630 -15.52 -16.86 -24.34
N LYS A 631 -16.19 -15.83 -24.87
CA LYS A 631 -17.62 -15.94 -25.13
C LYS A 631 -17.91 -16.95 -26.23
N GLN A 632 -17.09 -16.97 -27.28
CA GLN A 632 -17.28 -17.94 -28.35
C GLN A 632 -16.97 -19.34 -27.87
N LEU A 633 -15.81 -19.54 -27.24
CA LEU A 633 -15.40 -20.87 -26.82
C LEU A 633 -16.36 -21.47 -25.80
N LEU A 634 -16.93 -20.64 -24.93
CA LEU A 634 -17.91 -21.14 -23.97
C LEU A 634 -19.19 -21.59 -24.68
N SER A 635 -19.67 -20.79 -25.63
CA SER A 635 -20.88 -21.16 -26.37
C SER A 635 -20.66 -22.44 -27.15
N LEU A 636 -19.49 -22.59 -27.77
CA LEU A 636 -19.19 -23.82 -28.50
C LEU A 636 -19.00 -25.00 -27.55
N THR A 637 -18.55 -24.76 -26.33
CA THR A 637 -18.47 -25.84 -25.35
C THR A 637 -19.86 -26.27 -24.90
N ASN A 638 -20.78 -25.31 -24.77
CA ASN A 638 -22.16 -25.65 -24.46
C ASN A 638 -22.80 -26.44 -25.60
N GLN A 639 -22.44 -26.13 -26.84
CA GLN A 639 -22.94 -26.88 -27.98
C GLN A 639 -22.44 -28.32 -28.00
N CYS A 640 -21.32 -28.59 -27.34
CA CYS A 640 -20.80 -29.95 -27.23
C CYS A 640 -21.40 -30.71 -26.06
N PHE A 641 -22.28 -30.08 -25.28
CA PHE A 641 -22.92 -30.72 -24.14
C PHE A 641 -24.37 -31.11 -24.41
N ASP A 642 -25.13 -30.25 -25.07
CA ASP A 642 -26.52 -30.57 -25.39
C ASP A 642 -26.60 -31.64 -26.47
N ILE A 643 -25.70 -31.59 -27.46
CA ILE A 643 -25.66 -32.65 -28.46
C ILE A 643 -24.98 -33.90 -27.91
N GLU A 644 -24.24 -33.78 -26.81
CA GLU A 644 -23.78 -34.96 -26.09
C GLU A 644 -24.92 -35.65 -25.35
N GLU A 645 -25.99 -34.92 -25.04
CA GLU A 645 -27.21 -35.52 -24.50
C GLU A 645 -28.18 -35.91 -25.60
N GLU A 646 -28.07 -35.33 -26.79
CA GLU A 646 -28.91 -35.75 -27.91
C GLU A 646 -28.54 -37.15 -28.38
N VAL A 647 -27.25 -37.48 -28.36
CA VAL A 647 -26.82 -38.87 -28.54
C VAL A 647 -27.17 -39.60 -27.26
N SER A 648 -26.96 -40.92 -27.24
CA SER A 648 -27.45 -41.79 -26.17
C SER A 648 -28.97 -41.77 -26.12
N LYS A 649 -29.57 -40.57 -26.04
CA LYS A 649 -31.01 -40.45 -26.24
C LYS A 649 -31.43 -41.08 -27.57
N TYR A 650 -30.60 -40.91 -28.60
CA TYR A 650 -30.79 -41.59 -29.88
C TYR A 650 -29.86 -42.79 -30.02
N GLN A 651 -29.71 -43.56 -28.94
CA GLN A 651 -28.86 -44.74 -28.95
C GLN A 651 -29.30 -45.73 -27.88
N GLU A 652 -29.37 -45.26 -26.63
CA GLU A 652 -29.92 -46.11 -25.57
C GLU A 652 -31.37 -46.48 -25.86
N TYR A 653 -32.15 -45.51 -26.33
CA TYR A 653 -33.51 -45.71 -26.77
C TYR A 653 -33.51 -45.80 -28.30
N THR A 654 -34.71 -45.93 -28.88
CA THR A 654 -34.96 -45.85 -30.33
C THR A 654 -34.11 -46.79 -31.19
N ASN A 655 -33.15 -47.47 -30.59
CA ASN A 655 -32.38 -48.41 -31.38
C ASN A 655 -32.62 -49.76 -30.73
N GLU A 656 -32.85 -49.69 -29.42
CA GLU A 656 -33.27 -50.82 -28.61
C GLU A 656 -34.79 -50.92 -28.68
N LEU A 657 -35.28 -51.99 -29.29
CA LEU A 657 -36.70 -52.31 -29.36
C LEU A 657 -37.00 -53.38 -28.31
N GLN A 658 -38.18 -53.98 -28.38
CA GLN A 658 -38.60 -54.98 -27.42
C GLN A 658 -39.12 -56.21 -28.15
N GLU A 659 -38.94 -57.38 -27.53
CA GLU A 659 -39.49 -58.63 -28.00
C GLU A 659 -39.25 -59.69 -26.95
N THR A 660 -40.29 -60.49 -26.67
CA THR A 660 -40.18 -61.58 -25.71
C THR A 660 -39.47 -62.78 -26.32
C01 E0M B . 19.58 11.58 13.72
C02 E0M B . 19.59 12.31 15.07
C03 E0M B . 18.67 13.55 14.97
C04 E0M B . 19.29 11.39 16.31
C05 E0M B . 19.82 10.09 16.44
C06 E0M B . 19.56 9.25 17.56
C07 E0M B . 18.71 9.68 18.65
C09 E0M B . 17.64 9.23 20.84
C11 E0M B . 16.68 8.68 22.98
C13 E0M B . 16.03 9.96 23.04
C14 E0M B . 15.21 10.36 24.17
C19 E0M B . 16.24 10.83 21.95
C20 E0M B . 17.04 10.49 20.84
C21 E0M B . 17.30 11.32 19.66
C23 E0M B . 18.17 10.95 18.52
C24 E0M B . 18.46 11.76 17.38
N10 E0M B . 17.48 8.32 21.89
N12 E0M B . 16.50 7.78 24.04
N15 E0M B . 15.13 9.85 25.45
N16 E0M B . 14.20 10.58 26.13
N17 E0M B . 13.68 11.53 25.39
N18 E0M B . 14.28 11.43 24.16
O08 E0M B . 18.45 8.83 19.76
O22 E0M B . 16.74 12.46 19.63
#